data_4H61
#
_entry.id   4H61
#
_cell.length_a   125.950
_cell.length_b   125.950
_cell.length_c   125.950
_cell.angle_alpha   90.00
_cell.angle_beta   90.00
_cell.angle_gamma   90.00
#
_symmetry.space_group_name_H-M   'P 21 3'
#
_entity_poly.entity_id   1
_entity_poly.type   'polypeptide(L)'
_entity_poly.pdbx_seq_one_letter_code
;GSHMDLTSIQWRMPEWVQSMGGLRTENVLEYFSQSPFYSHKSNNEMLKMQSQFNALDLGDLNSQLKRLTGIQFVIIHERP
PFLWVIQKQNRLNENEVKPLTVYFVCNENIYMAPNAYTLLATRMLNATYCFQKALTKIEKFPQYNPQEGYTYPKLSNDNL
EVDHSNTNEPADENK
;
_entity_poly.pdbx_strand_id   A,B
#
# COMPACT_ATOMS: atom_id res chain seq x y z
N HIS A 3 28.70 -18.19 13.46
CA HIS A 3 27.58 -17.49 14.08
C HIS A 3 26.41 -18.43 14.32
N MET A 4 25.54 -18.05 15.26
CA MET A 4 24.30 -18.79 15.52
C MET A 4 23.29 -18.53 14.42
N ASP A 5 22.63 -19.59 13.97
CA ASP A 5 21.69 -19.51 12.86
C ASP A 5 20.31 -19.12 13.36
N LEU A 6 19.84 -17.95 12.95
CA LEU A 6 18.57 -17.42 13.43
C LEU A 6 17.37 -18.05 12.75
N THR A 7 17.60 -18.89 11.75
CA THR A 7 16.48 -19.59 11.11
C THR A 7 16.12 -20.81 11.92
N SER A 8 16.82 -21.01 13.03
CA SER A 8 16.62 -22.21 13.79
C SER A 8 16.17 -21.93 15.22
N ILE A 9 15.84 -20.67 15.51
CA ILE A 9 15.38 -20.35 16.87
C ILE A 9 14.04 -19.64 16.92
N GLN A 10 13.41 -19.70 18.08
CA GLN A 10 12.24 -18.90 18.40
C GLN A 10 12.56 -18.19 19.70
N TRP A 11 12.08 -16.96 19.82
CA TRP A 11 12.39 -16.15 20.98
C TRP A 11 11.07 -15.74 21.62
N ARG A 12 11.05 -15.69 22.95
CA ARG A 12 9.86 -15.27 23.67
C ARG A 12 10.25 -14.74 25.03
N MET A 13 9.80 -13.53 25.35
CA MET A 13 10.15 -12.92 26.64
C MET A 13 8.92 -12.50 27.44
N PRO A 14 8.21 -13.47 28.04
CA PRO A 14 6.93 -13.26 28.73
C PRO A 14 6.98 -12.17 29.81
N GLU A 15 8.15 -12.01 30.43
CA GLU A 15 8.32 -11.05 31.53
C GLU A 15 8.25 -9.60 31.05
N TRP A 16 8.45 -9.40 29.75
CA TRP A 16 8.34 -8.07 29.16
C TRP A 16 6.88 -7.81 28.79
N VAL A 17 6.23 -8.85 28.26
CA VAL A 17 4.84 -8.75 27.84
C VAL A 17 3.93 -8.38 29.01
N GLN A 18 4.12 -9.06 30.14
CA GLN A 18 3.34 -8.76 31.34
C GLN A 18 3.61 -7.34 31.83
N SER A 19 4.88 -6.94 31.76
CA SER A 19 5.30 -5.60 32.18
C SER A 19 4.66 -4.48 31.36
N MET A 20 4.22 -4.80 30.14
CA MET A 20 3.66 -3.80 29.22
C MET A 20 2.16 -3.96 28.98
N GLY A 21 1.54 -4.91 29.70
CA GLY A 21 0.11 -5.13 29.61
C GLY A 21 -0.34 -5.80 28.32
N GLY A 22 0.53 -6.66 27.79
CA GLY A 22 0.21 -7.44 26.60
C GLY A 22 0.66 -6.77 25.31
N LEU A 23 0.77 -7.56 24.25
CA LEU A 23 1.25 -7.02 22.98
C LEU A 23 0.18 -6.20 22.27
N ARG A 24 0.61 -5.06 21.74
CA ARG A 24 -0.24 -4.22 20.91
C ARG A 24 0.60 -3.68 19.76
N THR A 25 -0.07 -3.33 18.65
CA THR A 25 0.59 -2.71 17.51
C THR A 25 1.44 -1.53 17.97
N GLU A 26 0.93 -0.82 18.98
CA GLU A 26 1.61 0.31 19.59
C GLU A 26 3.01 -0.02 20.09
N ASN A 27 3.23 -1.26 20.55
CA ASN A 27 4.49 -1.62 21.17
C ASN A 27 5.20 -2.88 20.65
N VAL A 28 4.58 -3.59 19.71
CA VAL A 28 5.16 -4.83 19.20
C VAL A 28 6.60 -4.67 18.66
N LEU A 29 6.88 -3.56 18.00
CA LEU A 29 8.20 -3.30 17.44
C LEU A 29 9.22 -3.12 18.55
N GLU A 30 8.78 -2.63 19.70
CA GLU A 30 9.68 -2.46 20.83
C GLU A 30 10.04 -3.83 21.38
N TYR A 31 9.04 -4.70 21.42
CA TYR A 31 9.22 -6.09 21.80
C TYR A 31 10.28 -6.72 20.91
N PHE A 32 10.09 -6.54 19.61
CA PHE A 32 10.99 -7.08 18.61
C PHE A 32 12.41 -6.59 18.86
N SER A 33 12.55 -5.37 19.37
CA SER A 33 13.86 -4.78 19.63
C SER A 33 14.69 -5.49 20.70
N GLN A 34 14.05 -6.21 21.61
CA GLN A 34 14.77 -6.91 22.66
C GLN A 34 15.19 -8.30 22.19
N SER A 35 14.88 -8.62 20.94
CA SER A 35 15.12 -9.96 20.42
C SER A 35 16.39 -9.99 19.56
N PRO A 36 16.98 -11.18 19.39
CA PRO A 36 18.19 -11.33 18.56
C PRO A 36 17.96 -11.16 17.05
N PHE A 37 16.73 -10.85 16.66
CA PHE A 37 16.44 -10.60 15.25
C PHE A 37 16.64 -9.11 14.95
N TYR A 38 16.58 -8.32 16.02
CA TYR A 38 16.75 -6.88 15.89
C TYR A 38 18.19 -6.56 15.48
N SER A 39 18.37 -5.44 14.79
CA SER A 39 19.71 -5.01 14.38
C SER A 39 19.92 -3.56 14.75
N HIS A 40 20.94 -3.31 15.55
CA HIS A 40 21.18 -1.95 16.03
C HIS A 40 21.73 -1.02 14.94
N LYS A 41 21.98 -1.56 13.75
CA LYS A 41 22.37 -0.74 12.60
C LYS A 41 21.17 -0.02 12.00
N SER A 42 19.97 -0.40 12.43
CA SER A 42 18.76 0.02 11.73
C SER A 42 18.42 1.49 11.95
N ASN A 43 17.78 2.09 10.93
CA ASN A 43 17.22 3.42 11.07
C ASN A 43 16.29 3.48 12.30
N ASN A 44 15.62 2.36 12.57
CA ASN A 44 14.77 2.23 13.75
C ASN A 44 15.51 2.63 15.03
N GLU A 45 16.69 2.07 15.21
CA GLU A 45 17.47 2.31 16.41
C GLU A 45 17.95 3.76 16.48
N MET A 46 18.33 4.30 15.33
CA MET A 46 18.85 5.65 15.27
C MET A 46 17.76 6.60 15.75
N LEU A 47 16.54 6.35 15.26
CA LEU A 47 15.38 7.13 15.67
C LEU A 47 15.06 6.97 17.15
N LYS A 48 15.19 5.75 17.69
CA LYS A 48 14.87 5.53 19.10
C LYS A 48 15.72 6.43 19.96
N MET A 49 16.98 6.60 19.55
CA MET A 49 17.94 7.34 20.36
C MET A 49 17.85 8.86 20.20
N GLN A 50 17.52 9.34 19.00
CA GLN A 50 17.30 10.77 18.84
C GLN A 50 16.13 11.16 19.73
N SER A 51 15.13 10.28 19.79
CA SER A 51 13.91 10.54 20.54
C SER A 51 14.18 10.62 22.05
N GLN A 52 14.90 9.63 22.55
CA GLN A 52 15.23 9.58 23.97
C GLN A 52 16.17 10.71 24.38
N PHE A 53 17.21 10.93 23.60
CA PHE A 53 18.24 11.90 23.91
C PHE A 53 17.73 13.33 23.88
N ASN A 54 16.85 13.63 22.93
CA ASN A 54 16.32 14.99 22.77
C ASN A 54 15.01 15.15 23.51
N ALA A 55 14.56 14.07 24.15
CA ALA A 55 13.25 14.03 24.83
C ALA A 55 12.14 14.52 23.89
N LEU A 56 12.05 13.89 22.73
CA LEU A 56 11.18 14.37 21.66
C LEU A 56 10.26 13.25 21.17
N ASP A 57 9.01 13.59 20.91
CA ASP A 57 8.07 12.66 20.30
C ASP A 57 8.11 12.87 18.79
N LEU A 58 8.49 11.83 18.07
CA LEU A 58 8.71 11.93 16.64
C LEU A 58 7.51 11.46 15.84
N GLY A 59 6.46 11.04 16.54
CA GLY A 59 5.20 10.69 15.89
C GLY A 59 5.26 9.44 15.04
N ASP A 60 4.65 9.52 13.86
CA ASP A 60 4.49 8.35 12.99
C ASP A 60 5.83 7.82 12.49
N LEU A 61 6.15 6.60 12.88
CA LEU A 61 7.42 5.98 12.54
C LEU A 61 7.61 5.87 11.03
N ASN A 62 6.61 5.32 10.34
CA ASN A 62 6.68 5.11 8.91
C ASN A 62 7.00 6.36 8.11
N SER A 63 6.54 7.51 8.59
CA SER A 63 6.83 8.75 7.89
C SER A 63 8.28 9.15 8.17
N GLN A 64 8.75 8.86 9.37
CA GLN A 64 10.15 9.12 9.71
C GLN A 64 11.10 8.24 8.88
N LEU A 65 10.70 7.00 8.66
CA LEU A 65 11.54 6.07 7.89
C LEU A 65 11.68 6.46 6.41
N LYS A 66 10.68 7.12 5.85
CA LYS A 66 10.74 7.47 4.43
C LYS A 66 11.90 8.41 4.13
N ARG A 67 12.24 9.27 5.09
CA ARG A 67 13.30 10.25 4.94
C ARG A 67 14.70 9.66 5.12
N LEU A 68 14.78 8.37 5.46
CA LEU A 68 16.07 7.76 5.75
C LEU A 68 16.40 6.60 4.82
N THR A 69 17.67 6.25 4.74
CA THR A 69 18.12 5.08 3.97
C THR A 69 18.91 4.13 4.86
N GLY A 70 18.76 2.83 4.61
CA GLY A 70 19.42 1.82 5.42
C GLY A 70 18.46 0.75 5.90
N ILE A 71 18.96 -0.15 6.76
CA ILE A 71 18.14 -1.21 7.35
C ILE A 71 16.93 -0.64 8.12
N GLN A 72 15.75 -1.20 7.88
CA GLN A 72 14.54 -0.74 8.55
C GLN A 72 13.67 -1.91 8.92
N PHE A 73 12.92 -1.75 10.02
CA PHE A 73 11.92 -2.73 10.42
C PHE A 73 10.55 -2.08 10.41
N VAL A 74 9.60 -2.70 9.71
CA VAL A 74 8.27 -2.16 9.66
C VAL A 74 7.24 -3.26 9.88
N ILE A 75 6.07 -2.85 10.37
CA ILE A 75 4.94 -3.77 10.51
C ILE A 75 4.17 -3.78 9.20
N ILE A 76 3.95 -4.97 8.66
CA ILE A 76 3.26 -5.09 7.37
C ILE A 76 1.98 -5.92 7.46
N HIS A 77 1.68 -6.41 8.66
CA HIS A 77 0.42 -7.10 8.89
C HIS A 77 0.00 -7.07 10.35
N GLU A 78 -1.28 -6.81 10.60
CA GLU A 78 -1.79 -6.68 11.96
C GLU A 78 -3.02 -7.53 12.18
N ARG A 79 -2.93 -8.46 13.13
CA ARG A 79 -4.09 -9.22 13.57
C ARG A 79 -4.12 -9.34 15.09
N PRO A 80 -4.31 -8.21 15.78
CA PRO A 80 -4.36 -8.23 17.25
C PRO A 80 -5.47 -9.16 17.71
N PRO A 81 -5.26 -9.85 18.84
CA PRO A 81 -4.03 -9.72 19.64
C PRO A 81 -3.09 -10.92 19.50
N PHE A 82 -3.24 -11.70 18.43
CA PHE A 82 -2.43 -12.90 18.26
C PHE A 82 -1.18 -12.75 17.38
N LEU A 83 -1.32 -12.11 16.22
CA LEU A 83 -0.14 -11.95 15.38
C LEU A 83 0.12 -10.57 14.81
N TRP A 84 1.40 -10.31 14.55
CA TRP A 84 1.84 -9.19 13.77
C TRP A 84 2.98 -9.72 12.92
N VAL A 85 3.14 -9.16 11.72
CA VAL A 85 4.21 -9.58 10.82
C VAL A 85 5.13 -8.40 10.54
N ILE A 86 6.43 -8.64 10.72
CA ILE A 86 7.43 -7.59 10.61
C ILE A 86 8.38 -7.87 9.47
N GLN A 87 8.76 -6.82 8.75
CA GLN A 87 9.67 -6.97 7.62
C GLN A 87 10.95 -6.17 7.80
N LYS A 88 12.08 -6.84 7.64
CA LYS A 88 13.38 -6.17 7.58
C LYS A 88 13.59 -5.77 6.13
N GLN A 89 13.95 -4.52 5.90
CA GLN A 89 14.12 -4.03 4.54
C GLN A 89 15.28 -3.03 4.45
N ASN A 90 15.92 -2.98 3.30
CA ASN A 90 16.92 -1.95 3.07
C ASN A 90 16.30 -0.86 2.23
N ARG A 91 16.10 0.31 2.81
CA ARG A 91 15.47 1.39 2.08
C ARG A 91 16.49 2.17 1.25
N LEU A 92 16.31 2.15 -0.06
CA LEU A 92 17.27 2.75 -0.98
C LEU A 92 17.08 4.24 -1.08
N ASN A 93 15.82 4.66 -1.07
CA ASN A 93 15.43 6.07 -1.05
C ASN A 93 13.96 6.21 -0.66
N GLU A 94 13.35 7.33 -1.05
CA GLU A 94 11.98 7.61 -0.62
C GLU A 94 10.96 6.79 -1.38
N ASN A 95 11.39 6.17 -2.46
CA ASN A 95 10.48 5.41 -3.33
C ASN A 95 10.81 3.93 -3.41
N GLU A 96 12.00 3.55 -2.99
CA GLU A 96 12.40 2.16 -3.16
C GLU A 96 12.85 1.49 -1.86
N VAL A 97 12.55 0.20 -1.78
CA VAL A 97 12.84 -0.59 -0.61
C VAL A 97 13.18 -2.01 -1.05
N LYS A 98 14.17 -2.64 -0.44
CA LYS A 98 14.48 -4.03 -0.76
C LYS A 98 14.20 -4.92 0.43
N PRO A 99 13.19 -5.79 0.30
CA PRO A 99 12.82 -6.70 1.39
C PRO A 99 13.94 -7.70 1.63
N LEU A 100 14.36 -7.84 2.88
CA LEU A 100 15.48 -8.71 3.23
C LEU A 100 15.00 -10.00 3.87
N THR A 101 14.24 -9.87 4.97
CA THR A 101 13.64 -11.02 5.62
C THR A 101 12.32 -10.63 6.31
N VAL A 102 11.46 -11.61 6.58
CA VAL A 102 10.25 -11.32 7.34
C VAL A 102 10.07 -12.24 8.56
N TYR A 103 9.49 -11.70 9.62
CA TYR A 103 9.40 -12.41 10.89
C TYR A 103 7.96 -12.47 11.34
N PHE A 104 7.62 -13.52 12.08
CA PHE A 104 6.31 -13.62 12.70
C PHE A 104 6.38 -13.36 14.19
N VAL A 105 5.40 -12.61 14.69
CA VAL A 105 5.22 -12.47 16.13
C VAL A 105 3.90 -13.13 16.44
N CYS A 106 3.95 -14.44 16.66
CA CYS A 106 2.75 -15.22 16.86
C CYS A 106 2.67 -15.70 18.30
N ASN A 107 1.63 -15.26 19.01
CA ASN A 107 1.47 -15.59 20.43
C ASN A 107 2.71 -15.26 21.26
N GLU A 108 3.27 -14.08 21.01
CA GLU A 108 4.46 -13.59 21.73
C GLU A 108 5.75 -14.33 21.33
N ASN A 109 5.63 -15.26 20.39
CA ASN A 109 6.77 -15.96 19.84
C ASN A 109 7.25 -15.27 18.58
N ILE A 110 8.53 -14.91 18.55
CA ILE A 110 9.11 -14.33 17.36
C ILE A 110 10.03 -15.34 16.68
N TYR A 111 9.88 -15.44 15.36
CA TYR A 111 10.74 -16.30 14.54
C TYR A 111 10.68 -15.83 13.09
N MET A 112 11.71 -16.14 12.30
CA MET A 112 11.73 -15.83 10.87
C MET A 112 10.67 -16.65 10.17
N ALA A 113 9.99 -16.03 9.21
CA ALA A 113 9.00 -16.73 8.42
C ALA A 113 9.77 -17.44 7.34
N PRO A 114 9.14 -18.42 6.67
CA PRO A 114 9.81 -19.06 5.53
C PRO A 114 10.22 -18.02 4.47
N ASN A 115 11.24 -18.36 3.70
CA ASN A 115 11.79 -17.42 2.74
C ASN A 115 10.77 -16.97 1.71
N ALA A 116 9.79 -17.84 1.44
CA ALA A 116 8.77 -17.57 0.42
C ALA A 116 8.04 -16.26 0.67
N TYR A 117 7.84 -15.92 1.95
CA TYR A 117 7.18 -14.67 2.29
C TYR A 117 7.97 -13.46 1.84
N THR A 118 9.29 -13.49 2.04
CA THR A 118 10.16 -12.45 1.52
C THR A 118 10.04 -12.39 0.00
N LEU A 119 10.06 -13.57 -0.64
CA LEU A 119 9.91 -13.65 -2.10
C LEU A 119 8.63 -12.99 -2.57
N LEU A 120 7.53 -13.25 -1.86
CA LEU A 120 6.25 -12.66 -2.21
C LEU A 120 6.29 -11.16 -2.07
N ALA A 121 6.89 -10.71 -0.97
CA ALA A 121 7.06 -9.28 -0.71
C ALA A 121 7.79 -8.58 -1.85
N THR A 122 8.98 -9.07 -2.20
CA THR A 122 9.75 -8.43 -3.26
C THR A 122 9.01 -8.49 -4.60
N ARG A 123 8.28 -9.56 -4.85
CA ARG A 123 7.52 -9.67 -6.08
C ARG A 123 6.41 -8.62 -6.12
N MET A 124 5.82 -8.36 -4.96
CA MET A 124 4.81 -7.32 -4.85
C MET A 124 5.44 -5.97 -5.15
N LEU A 125 6.59 -5.72 -4.52
CA LEU A 125 7.28 -4.46 -4.68
C LEU A 125 7.82 -4.27 -6.09
N ASN A 126 8.44 -5.31 -6.65
CA ASN A 126 8.94 -5.24 -8.02
C ASN A 126 7.84 -4.83 -9.01
N ALA A 127 6.68 -5.48 -8.90
CA ALA A 127 5.57 -5.18 -9.80
C ALA A 127 5.15 -3.73 -9.62
N THR A 128 5.08 -3.29 -8.36
CA THR A 128 4.75 -1.90 -8.06
C THR A 128 5.76 -0.95 -8.70
N TYR A 129 7.05 -1.20 -8.42
CA TYR A 129 8.10 -0.33 -8.92
C TYR A 129 8.16 -0.30 -10.45
N CYS A 130 7.83 -1.42 -11.10
CA CYS A 130 7.90 -1.48 -12.56
C CYS A 130 6.84 -0.56 -13.13
N PHE A 131 5.67 -0.60 -12.50
CA PHE A 131 4.54 0.27 -12.83
C PHE A 131 4.90 1.75 -12.70
N GLN A 132 5.45 2.14 -11.55
CA GLN A 132 5.81 3.53 -11.31
C GLN A 132 6.90 4.07 -12.24
N LYS A 133 7.87 3.23 -12.58
CA LYS A 133 8.91 3.65 -13.51
C LYS A 133 8.30 3.83 -14.90
N ALA A 134 7.24 3.08 -15.17
CA ALA A 134 6.58 3.12 -16.46
C ALA A 134 5.78 4.41 -16.63
N LEU A 135 5.39 5.01 -15.51
CA LEU A 135 4.58 6.22 -15.54
C LEU A 135 5.41 7.50 -15.68
N THR A 136 6.69 7.40 -15.35
CA THR A 136 7.54 8.59 -15.37
C THR A 136 7.81 9.04 -16.79
N LYS A 137 7.63 8.14 -17.75
CA LYS A 137 8.03 8.41 -19.14
C LYS A 137 6.98 9.15 -19.98
N ILE A 138 5.71 9.04 -19.61
CA ILE A 138 4.64 9.60 -20.44
C ILE A 138 4.70 11.13 -20.59
N GLU A 139 5.37 11.79 -19.64
CA GLU A 139 5.60 13.24 -19.74
C GLU A 139 7.04 13.54 -20.18
N HIS B 3 -22.81 4.74 -30.83
CA HIS B 3 -21.66 4.75 -29.93
C HIS B 3 -20.35 4.79 -30.73
N MET B 4 -19.30 5.27 -30.09
CA MET B 4 -18.00 5.40 -30.73
C MET B 4 -16.94 4.58 -30.01
N ASP B 5 -15.68 4.78 -30.40
CA ASP B 5 -14.56 4.01 -29.90
C ASP B 5 -13.69 4.85 -28.98
N LEU B 6 -13.78 4.58 -27.67
CA LEU B 6 -13.07 5.38 -26.67
C LEU B 6 -11.56 5.21 -26.73
N THR B 7 -11.14 4.26 -27.57
CA THR B 7 -9.74 3.94 -27.75
C THR B 7 -8.97 5.07 -28.42
N SER B 8 -9.65 5.84 -29.25
CA SER B 8 -8.99 6.81 -30.11
C SER B 8 -9.34 8.25 -29.76
N ILE B 9 -9.80 8.44 -28.52
CA ILE B 9 -10.35 9.71 -28.05
C ILE B 9 -9.52 10.25 -26.91
N GLN B 10 -9.27 11.55 -26.92
CA GLN B 10 -8.89 12.23 -25.68
C GLN B 10 -9.85 13.39 -25.40
N TRP B 11 -10.19 13.56 -24.13
CA TRP B 11 -11.23 14.49 -23.71
C TRP B 11 -10.69 15.48 -22.70
N ARG B 12 -11.24 16.70 -22.71
CA ARG B 12 -10.85 17.72 -21.76
C ARG B 12 -11.91 18.80 -21.64
N MET B 13 -12.27 19.13 -20.40
CA MET B 13 -13.28 20.15 -20.15
C MET B 13 -12.70 21.30 -19.33
N PRO B 14 -12.23 22.35 -20.02
CA PRO B 14 -11.58 23.49 -19.37
C PRO B 14 -12.52 24.24 -18.41
N GLU B 15 -13.78 24.43 -18.82
CA GLU B 15 -14.78 25.11 -17.98
C GLU B 15 -14.85 24.53 -16.56
N TRP B 16 -14.76 23.21 -16.46
CA TRP B 16 -14.85 22.53 -15.18
C TRP B 16 -13.61 22.77 -14.33
N VAL B 17 -12.44 22.69 -14.95
CA VAL B 17 -11.19 22.90 -14.23
C VAL B 17 -11.12 24.34 -13.73
N GLN B 18 -11.52 25.27 -14.59
CA GLN B 18 -11.58 26.69 -14.19
C GLN B 18 -12.55 26.86 -13.05
N SER B 19 -13.62 26.07 -13.05
CA SER B 19 -14.66 26.20 -12.05
C SER B 19 -14.20 25.71 -10.68
N MET B 20 -13.18 24.86 -10.65
CA MET B 20 -12.77 24.25 -9.40
C MET B 20 -11.36 24.64 -8.98
N GLY B 21 -10.81 25.67 -9.62
CA GLY B 21 -9.48 26.15 -9.33
C GLY B 21 -8.38 25.11 -9.51
N GLY B 22 -8.58 24.20 -10.46
CA GLY B 22 -7.57 23.22 -10.79
C GLY B 22 -7.88 21.80 -10.35
N LEU B 23 -7.18 20.84 -10.95
CA LEU B 23 -7.35 19.45 -10.58
C LEU B 23 -6.54 19.10 -9.34
N ARG B 24 -7.22 18.49 -8.37
CA ARG B 24 -6.59 17.96 -7.17
C ARG B 24 -7.07 16.53 -6.97
N THR B 25 -6.33 15.75 -6.19
CA THR B 25 -6.71 14.36 -5.91
C THR B 25 -8.16 14.22 -5.46
N GLU B 26 -8.61 15.12 -4.59
CA GLU B 26 -9.93 15.02 -4.00
C GLU B 26 -11.07 15.29 -4.97
N ASN B 27 -10.76 15.79 -6.17
CA ASN B 27 -11.82 16.10 -7.12
C ASN B 27 -11.68 15.46 -8.51
N VAL B 28 -10.53 14.84 -8.76
CA VAL B 28 -10.23 14.30 -10.09
C VAL B 28 -11.21 13.22 -10.57
N LEU B 29 -11.63 12.33 -9.67
CA LEU B 29 -12.65 11.35 -10.03
C LEU B 29 -13.95 12.03 -10.44
N GLU B 30 -14.24 13.18 -9.85
CA GLU B 30 -15.43 13.90 -10.24
C GLU B 30 -15.24 14.44 -11.65
N TYR B 31 -14.01 14.86 -11.95
CA TYR B 31 -13.66 15.33 -13.27
C TYR B 31 -13.89 14.20 -14.28
N PHE B 32 -13.34 13.04 -13.95
CA PHE B 32 -13.53 11.84 -14.76
C PHE B 32 -15.00 11.54 -15.02
N SER B 33 -15.84 11.69 -13.99
CA SER B 33 -17.26 11.38 -14.11
C SER B 33 -17.98 12.23 -15.16
N GLN B 34 -17.34 13.31 -15.59
CA GLN B 34 -17.95 14.17 -16.60
C GLN B 34 -17.51 13.74 -18.00
N SER B 35 -16.62 12.76 -18.07
CA SER B 35 -16.04 12.32 -19.34
C SER B 35 -16.82 11.16 -19.95
N PRO B 36 -16.67 10.96 -21.27
CA PRO B 36 -17.33 9.82 -21.92
C PRO B 36 -16.79 8.47 -21.47
N PHE B 37 -15.68 8.45 -20.74
CA PHE B 37 -15.10 7.22 -20.25
C PHE B 37 -15.82 6.70 -19.01
N TYR B 38 -16.68 7.53 -18.44
CA TYR B 38 -17.40 7.20 -17.20
C TYR B 38 -18.63 6.34 -17.49
N SER B 39 -19.05 5.56 -16.50
CA SER B 39 -20.26 4.76 -16.63
C SER B 39 -21.25 5.11 -15.53
N HIS B 40 -22.48 5.38 -15.93
CA HIS B 40 -23.49 5.83 -15.00
C HIS B 40 -24.22 4.70 -14.30
N LYS B 41 -23.72 3.48 -14.45
CA LYS B 41 -24.28 2.34 -13.72
C LYS B 41 -23.23 1.72 -12.82
N SER B 42 -22.06 2.35 -12.78
CA SER B 42 -20.98 1.95 -11.88
C SER B 42 -21.37 2.16 -10.42
N ASN B 43 -20.64 1.50 -9.52
CA ASN B 43 -20.80 1.70 -8.09
C ASN B 43 -20.67 3.17 -7.69
N ASN B 44 -19.68 3.85 -8.28
CA ASN B 44 -19.46 5.28 -8.05
C ASN B 44 -20.73 6.09 -8.18
N GLU B 45 -21.44 5.88 -9.28
CA GLU B 45 -22.65 6.64 -9.55
C GLU B 45 -23.75 6.26 -8.57
N MET B 46 -23.84 4.97 -8.25
CA MET B 46 -24.87 4.48 -7.34
C MET B 46 -24.76 5.13 -5.97
N LEU B 47 -23.53 5.45 -5.57
CA LEU B 47 -23.31 6.15 -4.31
C LEU B 47 -23.80 7.59 -4.37
N LYS B 48 -23.40 8.31 -5.42
CA LYS B 48 -23.80 9.70 -5.60
C LYS B 48 -25.34 9.85 -5.56
N MET B 49 -26.05 8.81 -5.97
CA MET B 49 -27.50 8.86 -6.01
C MET B 49 -28.17 8.49 -4.69
N GLN B 50 -27.39 8.49 -3.61
CA GLN B 50 -27.94 8.21 -2.30
C GLN B 50 -27.68 9.36 -1.33
N SER B 51 -26.67 10.17 -1.65
CA SER B 51 -26.33 11.33 -0.83
C SER B 51 -27.30 12.48 -1.12
N ASP B 57 -16.44 11.86 0.00
CA ASP B 57 -15.16 11.79 0.72
C ASP B 57 -14.31 10.63 0.21
N LEU B 58 -13.07 10.93 -0.15
CA LEU B 58 -12.16 9.94 -0.73
C LEU B 58 -11.74 8.89 0.30
N GLY B 59 -11.37 9.35 1.50
CA GLY B 59 -11.01 8.46 2.58
C GLY B 59 -12.13 7.49 2.85
N ASP B 60 -13.36 7.97 2.72
CA ASP B 60 -14.54 7.13 2.82
C ASP B 60 -14.72 6.28 1.57
N LEU B 61 -14.80 6.94 0.41
CA LEU B 61 -15.15 6.33 -0.87
C LEU B 61 -14.59 4.93 -1.06
N ASN B 62 -13.28 4.78 -0.92
CA ASN B 62 -12.63 3.48 -1.08
C ASN B 62 -13.21 2.39 -0.18
N SER B 63 -13.67 2.80 1.00
CA SER B 63 -14.28 1.85 1.93
C SER B 63 -15.69 1.46 1.50
N GLN B 64 -16.49 2.44 1.08
CA GLN B 64 -17.82 2.15 0.57
C GLN B 64 -17.75 1.28 -0.68
N LEU B 65 -16.71 1.51 -1.48
CA LEU B 65 -16.49 0.70 -2.68
C LEU B 65 -16.20 -0.76 -2.30
N LYS B 66 -15.46 -0.98 -1.22
CA LYS B 66 -15.20 -2.33 -0.72
C LYS B 66 -16.50 -3.02 -0.33
N ARG B 67 -17.43 -2.26 0.25
CA ARG B 67 -18.72 -2.80 0.68
C ARG B 67 -19.63 -3.12 -0.50
N LEU B 68 -19.17 -2.81 -1.71
CA LEU B 68 -20.00 -2.98 -2.90
C LEU B 68 -19.43 -3.99 -3.90
N THR B 69 -20.27 -4.37 -4.86
CA THR B 69 -19.91 -5.34 -5.87
C THR B 69 -20.19 -4.77 -7.26
N GLY B 70 -19.28 -5.02 -8.20
CA GLY B 70 -19.47 -4.56 -9.56
C GLY B 70 -18.38 -3.65 -10.10
N ILE B 71 -18.77 -2.80 -11.05
CA ILE B 71 -17.83 -1.93 -11.75
C ILE B 71 -17.56 -0.66 -10.98
N GLN B 72 -16.28 -0.38 -10.72
CA GLN B 72 -15.92 0.83 -10.00
C GLN B 72 -14.67 1.49 -10.60
N PHE B 73 -14.64 2.83 -10.52
CA PHE B 73 -13.47 3.60 -10.92
C PHE B 73 -12.74 4.11 -9.69
N VAL B 74 -11.44 3.83 -9.58
CA VAL B 74 -10.63 4.29 -8.47
C VAL B 74 -9.30 4.90 -8.94
N ILE B 75 -8.62 5.60 -8.05
CA ILE B 75 -7.31 6.18 -8.34
C ILE B 75 -6.18 5.22 -7.93
N ILE B 76 -5.31 4.87 -8.87
CA ILE B 76 -4.22 3.95 -8.58
C ILE B 76 -2.86 4.63 -8.59
N HIS B 77 -2.77 5.82 -9.15
CA HIS B 77 -1.54 6.61 -9.05
C HIS B 77 -1.84 8.07 -8.90
N GLU B 78 -0.90 8.80 -8.31
CA GLU B 78 -1.16 10.12 -7.79
C GLU B 78 0.13 10.91 -7.84
N ARG B 79 0.21 11.83 -8.80
CA ARG B 79 1.38 12.69 -8.93
C ARG B 79 0.94 14.11 -9.28
N PRO B 80 0.41 14.83 -8.28
CA PRO B 80 -0.08 16.20 -8.50
C PRO B 80 1.06 17.14 -8.91
N PRO B 81 0.73 18.23 -9.62
CA PRO B 81 -0.62 18.61 -10.02
C PRO B 81 -0.90 18.37 -11.50
N PHE B 82 -0.18 17.43 -12.11
CA PHE B 82 -0.24 17.25 -13.57
C PHE B 82 -0.67 15.85 -13.98
N LEU B 83 -0.63 14.89 -13.06
CA LEU B 83 -0.90 13.51 -13.44
C LEU B 83 -1.68 12.70 -12.41
N TRP B 84 -2.71 12.01 -12.88
CA TRP B 84 -3.41 11.02 -12.07
C TRP B 84 -3.71 9.81 -12.94
N VAL B 85 -3.79 8.65 -12.31
CA VAL B 85 -4.12 7.44 -13.05
C VAL B 85 -5.33 6.76 -12.41
N ILE B 86 -6.30 6.43 -13.25
CA ILE B 86 -7.55 5.86 -12.78
C ILE B 86 -7.79 4.50 -13.40
N GLN B 87 -8.30 3.57 -12.61
CA GLN B 87 -8.54 2.23 -13.11
C GLN B 87 -10.01 1.81 -13.00
N LYS B 88 -10.52 1.24 -14.08
CA LYS B 88 -11.83 0.59 -14.08
C LYS B 88 -11.61 -0.81 -13.56
N GLN B 89 -12.45 -1.24 -12.63
CA GLN B 89 -12.29 -2.58 -12.10
C GLN B 89 -13.60 -3.18 -11.63
N ASN B 90 -13.68 -4.50 -11.76
CA ASN B 90 -14.85 -5.24 -11.32
C ASN B 90 -14.57 -5.81 -9.93
N ARG B 91 -15.07 -5.13 -8.91
CA ARG B 91 -14.83 -5.58 -7.54
C ARG B 91 -15.71 -6.77 -7.18
N LEU B 92 -15.08 -7.84 -6.69
CA LEU B 92 -15.80 -9.07 -6.38
C LEU B 92 -16.09 -9.20 -4.89
N ASN B 93 -15.11 -8.83 -4.07
CA ASN B 93 -15.22 -8.97 -2.62
C ASN B 93 -14.81 -7.71 -1.91
N GLU B 94 -14.49 -7.86 -0.63
CA GLU B 94 -13.92 -6.76 0.13
C GLU B 94 -12.41 -6.83 -0.01
N ASN B 95 -11.93 -7.88 -0.69
CA ASN B 95 -10.50 -8.11 -0.82
C ASN B 95 -10.06 -8.50 -2.23
N GLU B 96 -11.03 -8.76 -3.10
CA GLU B 96 -10.72 -9.18 -4.46
C GLU B 96 -11.26 -8.19 -5.51
N VAL B 97 -10.51 -8.03 -6.59
CA VAL B 97 -10.83 -7.05 -7.62
C VAL B 97 -10.24 -7.45 -8.98
N LYS B 98 -11.02 -7.30 -10.04
CA LYS B 98 -10.51 -7.57 -11.38
C LYS B 98 -10.37 -6.29 -12.23
N PRO B 99 -9.15 -5.77 -12.32
CA PRO B 99 -8.77 -4.56 -13.08
C PRO B 99 -9.10 -4.69 -14.55
N LEU B 100 -9.61 -3.61 -15.14
CA LEU B 100 -10.22 -3.70 -16.47
C LEU B 100 -9.69 -2.72 -17.51
N THR B 101 -9.45 -1.47 -17.11
CA THR B 101 -8.99 -0.43 -18.03
C THR B 101 -8.30 0.68 -17.26
N VAL B 102 -7.20 1.18 -17.80
CA VAL B 102 -6.50 2.26 -17.16
C VAL B 102 -6.57 3.53 -18.01
N TYR B 103 -6.89 4.64 -17.36
CA TYR B 103 -6.99 5.94 -18.03
C TYR B 103 -5.98 6.87 -17.38
N PHE B 104 -5.47 7.80 -18.18
CA PHE B 104 -4.56 8.83 -17.71
C PHE B 104 -5.32 10.14 -17.58
N VAL B 105 -4.96 10.96 -16.61
CA VAL B 105 -5.47 12.33 -16.53
C VAL B 105 -4.27 13.25 -16.54
N CYS B 106 -3.83 13.59 -17.73
CA CYS B 106 -2.53 14.19 -17.94
C CYS B 106 -2.65 15.60 -18.53
N ASN B 107 -2.31 16.60 -17.72
CA ASN B 107 -2.52 17.99 -18.08
C ASN B 107 -3.96 18.29 -18.44
N GLU B 108 -4.87 17.75 -17.64
CA GLU B 108 -6.32 17.96 -17.77
C GLU B 108 -6.97 17.17 -18.91
N ASN B 109 -6.17 16.40 -19.66
CA ASN B 109 -6.71 15.56 -20.73
C ASN B 109 -6.91 14.14 -20.24
N ILE B 110 -8.00 13.52 -20.66
CA ILE B 110 -8.25 12.14 -20.27
C ILE B 110 -8.28 11.24 -21.49
N TYR B 111 -7.57 10.11 -21.40
CA TYR B 111 -7.57 9.12 -22.46
C TYR B 111 -7.19 7.76 -21.89
N MET B 112 -7.60 6.70 -22.57
CA MET B 112 -7.22 5.36 -22.14
C MET B 112 -5.72 5.20 -22.33
N ALA B 113 -5.08 4.62 -21.32
CA ALA B 113 -3.66 4.31 -21.41
C ALA B 113 -3.50 3.16 -22.39
N PRO B 114 -2.30 3.02 -22.98
CA PRO B 114 -1.99 1.81 -23.75
C PRO B 114 -2.16 0.58 -22.87
N ASN B 115 -2.58 -0.54 -23.45
CA ASN B 115 -2.80 -1.77 -22.69
C ASN B 115 -1.64 -2.20 -21.80
N ALA B 116 -0.42 -1.87 -22.22
CA ALA B 116 0.78 -2.19 -21.43
C ALA B 116 0.70 -1.68 -19.99
N TYR B 117 -0.04 -0.61 -19.77
CA TYR B 117 -0.18 -0.05 -18.43
C TYR B 117 -1.26 -0.76 -17.62
N THR B 118 -2.33 -1.19 -18.29
CA THR B 118 -3.36 -1.97 -17.60
C THR B 118 -2.72 -3.28 -17.14
N LEU B 119 -2.00 -3.89 -18.06
CA LEU B 119 -1.31 -5.14 -17.81
C LEU B 119 -0.38 -4.97 -16.61
N LEU B 120 0.46 -3.94 -16.64
CA LEU B 120 1.34 -3.61 -15.54
C LEU B 120 0.55 -3.41 -14.25
N ALA B 121 -0.60 -2.76 -14.37
CA ALA B 121 -1.46 -2.49 -13.22
C ALA B 121 -2.04 -3.75 -12.60
N THR B 122 -2.59 -4.66 -13.41
CA THR B 122 -3.19 -5.86 -12.84
C THR B 122 -2.14 -6.72 -12.16
N ARG B 123 -1.00 -6.92 -12.82
CA ARG B 123 0.03 -7.80 -12.31
C ARG B 123 0.62 -7.28 -11.00
N MET B 124 0.56 -5.96 -10.83
CA MET B 124 0.89 -5.33 -9.57
C MET B 124 -0.14 -5.76 -8.52
N LEU B 125 -1.41 -5.72 -8.88
CA LEU B 125 -2.48 -6.06 -7.95
C LEU B 125 -2.49 -7.54 -7.56
N ASN B 126 -2.21 -8.41 -8.53
CA ASN B 126 -2.11 -9.84 -8.26
C ASN B 126 -1.05 -10.11 -7.21
N ALA B 127 0.14 -9.53 -7.43
CA ALA B 127 1.27 -9.73 -6.53
C ALA B 127 0.89 -9.27 -5.14
N THR B 128 0.16 -8.16 -5.06
CA THR B 128 -0.31 -7.68 -3.77
C THR B 128 -1.28 -8.68 -3.16
N TYR B 129 -2.29 -9.04 -3.95
CA TYR B 129 -3.30 -9.99 -3.51
C TYR B 129 -2.69 -11.32 -3.08
N CYS B 130 -1.66 -11.76 -3.81
CA CYS B 130 -0.97 -13.01 -3.48
C CYS B 130 -0.41 -12.93 -2.08
N PHE B 131 0.31 -11.84 -1.84
CA PHE B 131 0.93 -11.58 -0.55
C PHE B 131 -0.10 -11.58 0.57
N GLN B 132 -1.21 -10.90 0.36
CA GLN B 132 -2.26 -10.86 1.38
C GLN B 132 -2.84 -12.25 1.64
N LYS B 133 -3.01 -13.02 0.57
CA LYS B 133 -3.57 -14.37 0.71
C LYS B 133 -2.57 -15.26 1.46
N ALA B 134 -1.30 -14.88 1.43
CA ALA B 134 -0.29 -15.57 2.21
C ALA B 134 -0.41 -15.15 3.67
N LEU B 135 -0.50 -13.84 3.89
CA LEU B 135 -0.57 -13.27 5.23
C LEU B 135 -1.82 -13.68 6.04
N THR B 136 -2.80 -14.29 5.37
CA THR B 136 -3.98 -14.78 6.08
C THR B 136 -4.00 -16.29 6.13
N LYS B 137 -2.98 -16.92 5.56
CA LYS B 137 -2.90 -18.38 5.51
C LYS B 137 -2.22 -18.93 6.77
N ILE B 138 -1.65 -18.04 7.57
CA ILE B 138 -0.93 -18.44 8.78
C ILE B 138 -1.75 -18.30 10.05
N GLU B 139 -2.53 -17.23 10.13
CA GLU B 139 -3.29 -16.94 11.34
C GLU B 139 -4.50 -17.86 11.50
N LYS B 140 -4.57 -18.89 10.65
CA LYS B 140 -5.60 -19.90 10.78
C LYS B 140 -5.11 -21.04 11.67
N PHE B 141 -3.81 -21.04 11.99
CA PHE B 141 -3.25 -22.08 12.86
C PHE B 141 -2.32 -21.66 14.03
N PRO B 142 -2.60 -20.52 14.71
CA PRO B 142 -1.74 -20.29 15.86
C PRO B 142 -2.08 -21.23 17.02
#